data_4UIN
#
_entry.id   4UIN
#
_cell.length_a   54.180
_cell.length_b   55.460
_cell.length_c   72.160
_cell.angle_alpha   90.00
_cell.angle_beta   98.98
_cell.angle_gamma   90.00
#
_symmetry.space_group_name_H-M   'P 1 21 1'
#
loop_
_entity.id
_entity.type
_entity.pdbx_description
1 polymer 'FAB 314.3'
2 polymer 'FAB 314.3'
3 non-polymer Quinine
4 water water
#
loop_
_entity_poly.entity_id
_entity_poly.type
_entity_poly.pdbx_seq_one_letter_code
_entity_poly.pdbx_strand_id
1 'polypeptide(L)'
;EVQLQQSGTVLARPGASVKMSCEASGYTFTSYWMHWLKKRPGQGLEWIGTIYPGNSDSSYNQRFKGKAKLTAVTSTSTAY
MELSSLTNEDSAVYYCTRERGLYYGGRSFDYWGQGTTLTVSSAKTTPPSVYPLAPGSAAQTNSMVTLGCLVKGYFPEPVT
VTWNSGSLSSGVHTFPAVLESDLYTLSSSVTVPSSPRPSETVTCNVAHPASSTKVDKKIVPRDCG
;
H
2 'polypeptide(L)'
;DIQMTQTTSSLSASLGDRVTISCRASQDISNYLTWYQQKPDGTVKLLIYYTSKLHSGVPSRFSGSGSGTDYSLTISNLEQ
EDVANYFCQQGNSLPPTFGGGTKLEIKRADAAPTVSIFPPSSEQLTSGGASVVCFLNNFYPKDINVKWKIDGSERQNGVL
NSWTDQDSKDSTYSMSSTLTLTKDEYERHNSYTCEATHKTSTSPIVKSFNRNEC
;
L
#
loop_
_chem_comp.id
_chem_comp.type
_chem_comp.name
_chem_comp.formula
QI9 non-polymer Quinine 'C20 H24 N2 O2'
#
# COMPACT_ATOMS: atom_id res chain seq x y z
N GLU A 1 -19.15 22.12 -3.07
CA GLU A 1 -18.40 20.87 -2.76
C GLU A 1 -17.35 21.10 -1.69
N VAL A 2 -17.60 20.58 -0.49
CA VAL A 2 -16.62 20.63 0.59
C VAL A 2 -15.36 19.87 0.17
N GLN A 3 -14.21 20.51 0.28
CA GLN A 3 -12.95 19.92 -0.12
C GLN A 3 -11.80 20.33 0.78
N LEU A 4 -11.06 19.33 1.27
CA LEU A 4 -9.84 19.56 2.02
C LEU A 4 -8.64 19.16 1.15
N GLN A 5 -7.57 19.93 1.23
CA GLN A 5 -6.34 19.66 0.48
C GLN A 5 -5.12 19.79 1.38
N GLN A 6 -4.47 18.67 1.65
CA GLN A 6 -3.34 18.63 2.57
C GLN A 6 -2.02 18.86 1.84
N SER A 7 -0.96 19.07 2.61
CA SER A 7 0.35 19.38 2.04
C SER A 7 1.11 18.12 1.64
N GLY A 8 2.21 18.31 0.93
CA GLY A 8 2.96 17.21 0.35
C GLY A 8 3.71 16.36 1.36
N THR A 9 4.39 15.33 0.85
CA THR A 9 5.16 14.43 1.70
C THR A 9 6.27 15.18 2.44
N VAL A 10 6.57 14.72 3.66
CA VAL A 10 7.57 15.34 4.51
C VAL A 10 8.62 14.33 4.95
N LEU A 11 9.88 14.63 4.68
CA LEU A 11 11.00 13.83 5.16
C LEU A 11 11.67 14.53 6.34
N ALA A 12 11.93 13.77 7.40
CA ALA A 12 12.53 14.33 8.61
C ALA A 12 13.37 13.28 9.34
N ARG A 13 14.43 13.74 9.99
CA ARG A 13 15.27 12.88 10.80
C ARG A 13 14.66 12.75 12.20
N PRO A 14 15.05 11.71 12.95
CA PRO A 14 14.59 11.64 14.34
C PRO A 14 15.07 12.84 15.16
N GLY A 15 14.18 13.39 15.99
CA GLY A 15 14.51 14.51 16.84
C GLY A 15 14.09 15.85 16.26
N ALA A 16 13.74 15.84 14.98
CA ALA A 16 13.25 17.05 14.32
C ALA A 16 11.79 17.32 14.65
N SER A 17 11.27 18.41 14.11
CA SER A 17 9.85 18.74 14.23
C SER A 17 9.36 19.19 12.87
N VAL A 18 8.09 18.89 12.58
CA VAL A 18 7.50 19.21 11.29
C VAL A 18 6.12 19.82 11.44
N LYS A 19 5.63 20.40 10.35
CA LYS A 19 4.36 21.09 10.35
C LYS A 19 3.65 20.86 9.01
N MET A 20 2.48 20.23 9.07
CA MET A 20 1.70 19.96 7.88
C MET A 20 0.38 20.72 7.93
N SER A 21 -0.09 21.14 6.75
CA SER A 21 -1.27 21.99 6.64
C SER A 21 -2.42 21.28 5.94
N CYS A 22 -3.60 21.90 6.01
CA CYS A 22 -4.82 21.36 5.42
C CYS A 22 -5.76 22.49 5.05
N GLU A 23 -5.87 22.79 3.76
CA GLU A 23 -6.68 23.92 3.30
C GLU A 23 -8.10 23.51 2.94
N ALA A 24 -9.07 24.13 3.59
CA ALA A 24 -10.48 23.82 3.38
C ALA A 24 -11.15 24.78 2.40
N SER A 25 -12.20 24.31 1.75
CA SER A 25 -12.97 25.16 0.84
C SER A 25 -14.39 24.60 0.65
N GLY A 26 -15.26 25.42 0.07
CA GLY A 26 -16.62 25.00 -0.23
C GLY A 26 -17.58 25.15 0.94
N TYR A 27 -17.10 25.72 2.04
CA TYR A 27 -17.94 25.95 3.21
C TYR A 27 -17.31 26.96 4.16
N THR A 28 -18.02 27.28 5.24
CA THR A 28 -17.53 28.24 6.23
C THR A 28 -16.57 27.55 7.20
N PHE A 29 -15.29 27.85 7.06
CA PHE A 29 -14.24 27.19 7.83
C PHE A 29 -14.44 27.29 9.34
N THR A 30 -14.86 28.47 9.80
CA THR A 30 -14.93 28.74 11.23
C THR A 30 -16.06 27.99 11.97
N SER A 31 -16.93 27.32 11.21
CA SER A 31 -18.17 26.80 11.77
C SER A 31 -18.21 25.28 11.97
N TYR A 32 -17.11 24.59 11.65
CA TYR A 32 -17.04 23.13 11.79
C TYR A 32 -15.76 22.69 12.50
N TRP A 33 -15.88 21.65 13.31
CA TRP A 33 -14.73 21.08 13.99
C TRP A 33 -13.85 20.31 13.00
N MET A 34 -12.55 20.58 13.07
CA MET A 34 -11.56 19.84 12.28
C MET A 34 -10.88 18.81 13.16
N HIS A 35 -10.55 17.65 12.57
CA HIS A 35 -9.88 16.57 13.29
C HIS A 35 -8.66 16.09 12.52
N TRP A 36 -7.71 15.51 13.24
CA TRP A 36 -6.52 14.92 12.63
C TRP A 36 -6.41 13.46 13.04
N LEU A 37 -6.00 12.61 12.09
CA LEU A 37 -5.87 11.18 12.32
C LEU A 37 -4.53 10.66 11.82
N LYS A 38 -4.10 9.53 12.38
CA LYS A 38 -2.81 8.92 12.05
C LYS A 38 -2.98 7.47 11.60
N LYS A 39 -2.55 7.17 10.38
CA LYS A 39 -2.62 5.82 9.85
C LYS A 39 -1.23 5.23 9.69
N ARG A 40 -0.94 4.25 10.54
CA ARG A 40 0.34 3.56 10.54
C ARG A 40 0.11 2.11 10.11
N PRO A 41 1.02 1.53 9.30
CA PRO A 41 0.72 0.23 8.66
C PRO A 41 0.37 -0.90 9.63
N GLY A 42 0.84 -0.81 10.88
CA GLY A 42 0.59 -1.85 11.86
C GLY A 42 -0.69 -1.66 12.63
N GLN A 43 -1.06 -0.40 12.85
CA GLN A 43 -2.23 -0.05 13.65
C GLN A 43 -3.43 0.29 12.77
N GLY A 44 -4.59 0.42 13.39
CA GLY A 44 -5.75 0.93 12.69
C GLY A 44 -5.60 2.43 12.53
N LEU A 45 -6.70 3.13 12.30
CA LEU A 45 -6.69 4.59 12.21
C LEU A 45 -6.80 5.17 13.63
N GLU A 46 -5.85 6.03 13.99
CA GLU A 46 -5.77 6.56 15.35
C GLU A 46 -6.11 8.05 15.40
N TRP A 47 -6.82 8.45 16.46
CA TRP A 47 -7.27 9.83 16.62
C TRP A 47 -6.24 10.69 17.34
N ILE A 48 -5.90 11.83 16.75
CA ILE A 48 -4.92 12.75 17.30
C ILE A 48 -5.60 13.80 18.16
N GLY A 49 -6.42 14.64 17.54
CA GLY A 49 -7.10 15.70 18.24
C GLY A 49 -8.05 16.46 17.34
N THR A 50 -8.53 17.61 17.82
CA THR A 50 -9.49 18.41 17.08
C THR A 50 -9.43 19.88 17.48
N ILE A 51 -9.73 20.76 16.53
CA ILE A 51 -9.81 22.19 16.83
C ILE A 51 -10.99 22.82 16.12
N TYR A 52 -11.65 23.75 16.81
CA TYR A 52 -12.75 24.52 16.24
C TYR A 52 -12.21 25.88 15.81
N PRO A 53 -12.05 26.10 14.49
CA PRO A 53 -11.40 27.33 14.00
C PRO A 53 -12.11 28.62 14.42
N GLY A 54 -13.37 28.52 14.86
CA GLY A 54 -14.12 29.67 15.29
C GLY A 54 -13.45 30.41 16.44
N ASN A 55 -13.09 29.68 17.48
CA ASN A 55 -12.43 30.26 18.65
C ASN A 55 -11.16 29.49 19.04
N SER A 56 -10.71 28.61 18.16
CA SER A 56 -9.50 27.84 18.37
C SER A 56 -9.59 26.96 19.63
N ASP A 57 -10.81 26.61 20.02
CA ASP A 57 -11.01 25.63 21.10
C ASP A 57 -10.55 24.27 20.58
N SER A 58 -9.81 23.53 21.42
CA SER A 58 -9.20 22.28 20.99
C SER A 58 -9.31 21.18 22.03
N SER A 59 -9.14 19.93 21.56
CA SER A 59 -9.14 18.77 22.43
C SER A 59 -8.17 17.73 21.85
N TYR A 60 -7.40 17.09 22.73
CA TYR A 60 -6.35 16.17 22.30
C TYR A 60 -6.51 14.77 22.87
N ASN A 61 -6.14 13.78 22.07
CA ASN A 61 -5.89 12.44 22.57
C ASN A 61 -4.77 12.54 23.59
N GLN A 62 -4.90 11.82 24.71
CA GLN A 62 -3.94 11.94 25.79
C GLN A 62 -2.56 11.44 25.38
N ARG A 63 -2.52 10.60 24.34
CA ARG A 63 -1.26 10.00 23.89
C ARG A 63 -0.46 10.97 23.02
N PHE A 64 -1.14 11.88 22.35
CA PHE A 64 -0.49 12.87 21.49
C PHE A 64 -0.41 14.26 22.15
N LYS A 65 -0.72 14.32 23.44
CA LYS A 65 -0.65 15.60 24.16
C LYS A 65 0.81 15.94 24.43
N GLY A 66 1.29 17.02 23.80
CA GLY A 66 2.68 17.40 23.88
C GLY A 66 3.46 16.93 22.66
N LYS A 67 2.87 16.01 21.91
CA LYS A 67 3.46 15.53 20.66
C LYS A 67 2.94 16.35 19.50
N ALA A 68 1.62 16.53 19.46
CA ALA A 68 0.97 17.26 18.38
C ALA A 68 0.35 18.56 18.89
N LYS A 69 0.75 19.68 18.28
CA LYS A 69 0.10 20.97 18.49
C LYS A 69 -0.80 21.26 17.30
N LEU A 70 -1.98 21.83 17.57
CA LEU A 70 -2.96 22.12 16.53
C LEU A 70 -3.25 23.61 16.47
N THR A 71 -3.30 24.14 15.25
CA THR A 71 -3.60 25.56 15.03
C THR A 71 -4.50 25.72 13.81
N ALA A 72 -5.20 26.86 13.76
CA ALA A 72 -6.09 27.16 12.67
C ALA A 72 -6.09 28.65 12.38
N VAL A 73 -5.86 29.00 11.11
CA VAL A 73 -5.84 30.39 10.67
C VAL A 73 -7.12 30.70 9.89
N THR A 74 -7.96 31.56 10.45
CA THR A 74 -9.23 31.93 9.85
C THR A 74 -9.04 32.61 8.50
N SER A 75 -8.02 33.46 8.42
CA SER A 75 -7.76 34.27 7.24
C SER A 75 -7.67 33.46 5.95
N THR A 76 -6.95 32.34 6.00
CA THR A 76 -6.68 31.53 4.83
C THR A 76 -7.40 30.18 4.87
N SER A 77 -8.32 30.04 5.82
CA SER A 77 -9.09 28.80 5.98
C SER A 77 -8.18 27.58 5.97
N THR A 78 -7.14 27.61 6.80
CA THR A 78 -6.12 26.57 6.81
C THR A 78 -5.87 26.04 8.22
N ALA A 79 -6.01 24.72 8.38
CA ALA A 79 -5.66 24.06 9.64
C ALA A 79 -4.22 23.56 9.56
N TYR A 80 -3.54 23.57 10.70
CA TYR A 80 -2.16 23.09 10.79
C TYR A 80 -2.01 22.10 11.93
N MET A 81 -1.08 21.16 11.77
CA MET A 81 -0.65 20.30 12.85
C MET A 81 0.86 20.27 12.93
N GLU A 82 1.36 20.46 14.14
CA GLU A 82 2.79 20.44 14.40
C GLU A 82 3.16 19.16 15.15
N LEU A 83 4.23 18.50 14.69
CA LEU A 83 4.72 17.28 15.31
C LEU A 83 6.15 17.48 15.78
N SER A 84 6.39 17.24 17.06
CA SER A 84 7.69 17.53 17.68
C SER A 84 8.45 16.26 18.05
N SER A 85 9.77 16.40 18.18
CA SER A 85 10.68 15.31 18.54
C SER A 85 10.32 13.99 17.86
N LEU A 86 10.43 13.99 16.53
CA LEU A 86 10.01 12.83 15.75
C LEU A 86 10.81 11.58 16.08
N THR A 87 10.10 10.45 16.11
CA THR A 87 10.71 9.13 16.25
C THR A 87 10.17 8.22 15.15
N ASN A 88 10.66 6.99 15.09
CA ASN A 88 10.27 6.07 14.03
C ASN A 88 8.77 5.76 14.05
N GLU A 89 8.15 5.83 15.22
CA GLU A 89 6.73 5.55 15.35
CA GLU A 89 6.73 5.57 15.38
C GLU A 89 5.88 6.66 14.73
N ASP A 90 6.45 7.84 14.58
CA ASP A 90 5.70 8.96 13.99
C ASP A 90 5.57 8.82 12.48
N SER A 91 6.29 7.86 11.89
CA SER A 91 6.16 7.57 10.47
C SER A 91 4.74 7.06 10.18
N ALA A 92 4.02 7.76 9.32
CA ALA A 92 2.64 7.40 9.00
C ALA A 92 2.06 8.29 7.91
N VAL A 93 0.80 8.04 7.58
CA VAL A 93 0.04 8.93 6.72
C VAL A 93 -1.01 9.64 7.58
N TYR A 94 -0.92 10.95 7.66
CA TYR A 94 -1.82 11.73 8.51
C TYR A 94 -2.95 12.37 7.71
N TYR A 95 -4.17 12.13 8.18
CA TYR A 95 -5.38 12.67 7.56
C TYR A 95 -6.00 13.78 8.40
N CYS A 96 -6.40 14.85 7.73
CA CYS A 96 -7.27 15.85 8.33
C CYS A 96 -8.68 15.58 7.82
N THR A 97 -9.67 15.81 8.67
CA THR A 97 -11.05 15.55 8.29
C THR A 97 -12.00 16.52 9.00
N ARG A 98 -13.17 16.71 8.41
CA ARG A 98 -14.20 17.57 9.00
C ARG A 98 -15.26 16.74 9.72
N GLU A 99 -15.66 17.21 10.89
CA GLU A 99 -16.69 16.55 11.67
C GLU A 99 -18.07 16.99 11.22
N ARG A 100 -18.97 16.02 11.07
CA ARG A 100 -20.34 16.28 10.68
C ARG A 100 -21.03 17.09 11.79
N GLY A 101 -21.85 18.05 11.41
CA GLY A 101 -22.63 18.83 12.36
C GLY A 101 -22.20 20.29 12.46
N LEU A 102 -23.03 21.19 11.96
CA LEU A 102 -22.77 22.63 12.04
C LEU A 102 -22.61 23.06 13.50
N TYR A 103 -21.60 23.89 13.75
CA TYR A 103 -21.32 24.47 15.08
C TYR A 103 -20.91 23.44 16.14
N TYR A 104 -21.75 22.44 16.39
CA TYR A 104 -21.54 21.55 17.55
C TYR A 104 -21.20 20.12 17.17
N GLY A 105 -20.91 19.90 15.89
CA GLY A 105 -20.46 18.60 15.42
C GLY A 105 -21.47 17.48 15.62
N GLY A 106 -21.01 16.26 15.36
CA GLY A 106 -21.83 15.07 15.51
C GLY A 106 -20.95 13.92 15.94
N ARG A 107 -21.21 12.73 15.41
CA ARG A 107 -20.43 11.55 15.80
C ARG A 107 -19.72 10.92 14.61
N SER A 108 -19.57 11.69 13.53
CA SER A 108 -18.95 11.18 12.30
C SER A 108 -18.04 12.23 11.65
N PHE A 109 -17.33 11.79 10.61
CA PHE A 109 -16.46 12.64 9.83
C PHE A 109 -16.91 12.62 8.37
N ASP A 110 -17.50 13.71 7.90
CA ASP A 110 -18.24 13.70 6.64
C ASP A 110 -17.41 14.06 5.41
N TYR A 111 -16.26 14.71 5.60
CA TYR A 111 -15.37 15.03 4.49
C TYR A 111 -13.90 14.92 4.88
N TRP A 112 -13.10 14.40 3.94
CA TRP A 112 -11.71 14.01 4.21
C TRP A 112 -10.73 14.62 3.23
N GLY A 113 -9.51 14.86 3.71
CA GLY A 113 -8.39 15.22 2.85
C GLY A 113 -7.76 13.96 2.30
N GLN A 114 -6.81 14.10 1.38
CA GLN A 114 -6.23 12.95 0.70
C GLN A 114 -5.12 12.30 1.54
N GLY A 115 -4.68 13.01 2.57
CA GLY A 115 -3.65 12.50 3.47
C GLY A 115 -2.28 13.08 3.19
N THR A 116 -1.42 13.04 4.20
CA THR A 116 -0.04 13.51 4.08
C THR A 116 0.91 12.47 4.67
N THR A 117 1.90 12.07 3.87
CA THR A 117 2.90 11.09 4.30
C THR A 117 4.06 11.76 5.02
N LEU A 118 4.36 11.25 6.21
CA LEU A 118 5.53 11.66 6.97
C LEU A 118 6.50 10.49 7.09
N THR A 119 7.70 10.65 6.54
CA THR A 119 8.73 9.62 6.61
C THR A 119 9.84 10.05 7.56
N VAL A 120 10.00 9.31 8.65
CA VAL A 120 11.05 9.56 9.63
C VAL A 120 12.26 8.68 9.32
N SER A 121 13.37 9.31 8.97
CA SER A 121 14.57 8.58 8.58
C SER A 121 15.81 9.47 8.52
N SER A 122 16.96 8.87 8.82
CA SER A 122 18.24 9.58 8.78
C SER A 122 18.97 9.33 7.46
N ALA A 123 18.42 8.44 6.64
CA ALA A 123 19.03 8.07 5.36
C ALA A 123 19.21 9.31 4.47
N LYS A 124 20.31 9.31 3.73
CA LYS A 124 20.61 10.41 2.81
C LYS A 124 20.01 10.12 1.44
N THR A 125 19.77 11.16 0.65
CA THR A 125 19.24 11.00 -0.70
C THR A 125 20.22 10.19 -1.56
N THR A 126 19.81 8.99 -1.94
CA THR A 126 20.69 8.04 -2.62
C THR A 126 20.06 7.55 -3.93
N PRO A 127 20.78 7.69 -5.05
CA PRO A 127 20.23 7.18 -6.31
C PRO A 127 20.10 5.66 -6.31
N PRO A 128 19.20 5.12 -7.13
CA PRO A 128 19.06 3.67 -7.22
C PRO A 128 20.15 3.01 -8.06
N SER A 129 20.50 1.78 -7.70
CA SER A 129 21.26 0.92 -8.60
C SER A 129 20.24 0.11 -9.39
N VAL A 130 20.45 0.02 -10.70
CA VAL A 130 19.51 -0.65 -11.60
C VAL A 130 20.21 -1.82 -12.29
N TYR A 131 19.62 -3.01 -12.16
CA TYR A 131 20.23 -4.23 -12.66
C TYR A 131 19.31 -4.97 -13.63
N PRO A 132 19.82 -5.33 -14.82
CA PRO A 132 19.00 -6.13 -15.74
C PRO A 132 18.75 -7.54 -15.22
N LEU A 133 17.52 -8.02 -15.35
CA LEU A 133 17.19 -9.40 -15.02
C LEU A 133 16.89 -10.17 -16.31
N ALA A 134 17.89 -10.91 -16.79
CA ALA A 134 17.72 -11.72 -18.00
C ALA A 134 17.44 -13.17 -17.63
N PRO A 135 16.73 -13.91 -18.50
CA PRO A 135 16.44 -15.33 -18.23
C PRO A 135 17.69 -16.21 -18.11
N GLY A 136 17.51 -17.52 -18.14
CA GLY A 136 18.62 -18.45 -18.08
C GLY A 136 18.33 -19.75 -18.83
N SER A 137 17.82 -19.59 -20.05
CA SER A 137 17.42 -20.68 -20.96
C SER A 137 17.25 -22.06 -20.28
N ASN A 142 8.08 -21.58 -24.89
CA ASN A 142 6.76 -20.97 -24.68
C ASN A 142 6.55 -19.77 -25.61
N SER A 143 5.29 -19.40 -25.79
CA SER A 143 4.94 -18.26 -26.62
C SER A 143 5.47 -16.95 -26.05
N MET A 144 5.51 -16.87 -24.72
CA MET A 144 5.90 -15.64 -24.02
C MET A 144 7.25 -15.76 -23.31
N VAL A 145 7.80 -14.62 -22.91
CA VAL A 145 9.01 -14.57 -22.10
C VAL A 145 8.90 -13.40 -21.14
N THR A 146 9.33 -13.61 -19.89
CA THR A 146 9.30 -12.56 -18.88
C THR A 146 10.71 -12.08 -18.56
N LEU A 147 10.88 -10.76 -18.59
CA LEU A 147 12.13 -10.12 -18.21
C LEU A 147 11.91 -9.34 -16.92
N GLY A 148 12.98 -8.84 -16.35
CA GLY A 148 12.90 -8.13 -15.07
C GLY A 148 13.80 -6.92 -15.00
N CYS A 149 13.62 -6.15 -13.93
CA CYS A 149 14.43 -4.96 -13.68
C CYS A 149 14.53 -4.77 -12.17
N LEU A 150 15.74 -4.93 -11.63
CA LEU A 150 15.96 -4.80 -10.20
C LEU A 150 16.42 -3.39 -9.84
N VAL A 151 15.66 -2.73 -8.98
CA VAL A 151 15.95 -1.38 -8.52
C VAL A 151 16.30 -1.43 -7.05
N LYS A 152 17.55 -1.09 -6.72
CA LYS A 152 18.10 -1.39 -5.40
C LYS A 152 18.78 -0.20 -4.72
N GLY A 153 18.61 -0.13 -3.40
CA GLY A 153 19.35 0.79 -2.55
C GLY A 153 19.17 2.27 -2.83
N TYR A 154 17.92 2.70 -2.96
CA TYR A 154 17.62 4.12 -3.17
C TYR A 154 16.85 4.70 -2.00
N PHE A 155 16.91 6.02 -1.88
CA PHE A 155 16.13 6.75 -0.88
C PHE A 155 16.04 8.20 -1.31
N PRO A 156 14.86 8.82 -1.16
CA PRO A 156 13.60 8.31 -0.63
C PRO A 156 12.70 7.78 -1.74
N GLU A 157 11.46 7.45 -1.40
CA GLU A 157 10.45 7.16 -2.40
C GLU A 157 10.00 8.47 -3.03
N PRO A 158 9.42 8.43 -4.24
CA PRO A 158 9.15 7.26 -5.07
C PRO A 158 10.21 7.00 -6.14
N VAL A 159 10.11 5.83 -6.77
CA VAL A 159 10.83 5.53 -7.98
C VAL A 159 9.78 5.22 -9.05
N THR A 160 10.11 5.50 -10.31
CA THR A 160 9.20 5.28 -11.43
C THR A 160 9.87 4.39 -12.47
N VAL A 161 9.20 3.30 -12.82
CA VAL A 161 9.74 2.35 -13.78
C VAL A 161 8.82 2.26 -15.00
N THR A 162 9.43 2.27 -16.18
CA THR A 162 8.69 2.08 -17.42
C THR A 162 9.50 1.16 -18.34
N TRP A 163 8.86 0.67 -19.39
CA TRP A 163 9.51 -0.21 -20.34
C TRP A 163 9.39 0.34 -21.76
N ASN A 164 10.53 0.51 -22.41
CA ASN A 164 10.63 1.17 -23.71
C ASN A 164 9.95 2.54 -23.67
N SER A 165 10.25 3.30 -22.61
CA SER A 165 9.76 4.65 -22.43
C SER A 165 8.23 4.68 -22.30
N GLY A 166 7.65 3.57 -21.87
CA GLY A 166 6.21 3.48 -21.65
C GLY A 166 5.47 2.81 -22.78
N SER A 167 6.16 2.56 -23.90
CA SER A 167 5.54 1.93 -25.05
C SER A 167 5.13 0.49 -24.79
N LEU A 168 5.52 -0.02 -23.62
CA LEU A 168 5.09 -1.33 -23.15
C LEU A 168 4.34 -1.19 -21.82
N SER A 169 3.03 -1.01 -21.91
CA SER A 169 2.18 -0.90 -20.72
C SER A 169 1.61 -2.26 -20.34
N SER A 170 0.98 -2.93 -21.29
CA SER A 170 0.41 -4.25 -21.05
C SER A 170 1.49 -5.26 -20.70
N GLY A 171 1.20 -6.12 -19.72
CA GLY A 171 2.11 -7.18 -19.34
C GLY A 171 3.22 -6.73 -18.42
N VAL A 172 3.01 -5.61 -17.72
CA VAL A 172 3.99 -5.07 -16.79
C VAL A 172 3.51 -5.18 -15.35
N HIS A 173 4.41 -5.64 -14.49
CA HIS A 173 4.16 -5.68 -13.05
C HIS A 173 5.30 -4.98 -12.32
N THR A 174 4.96 -3.95 -11.55
CA THR A 174 5.93 -3.26 -10.70
C THR A 174 5.44 -3.38 -9.26
N PHE A 175 6.33 -3.85 -8.40
CA PHE A 175 5.94 -4.21 -7.03
C PHE A 175 6.26 -3.12 -6.03
N PRO A 176 5.49 -3.04 -4.93
CA PRO A 176 5.77 -2.06 -3.87
C PRO A 176 7.19 -2.16 -3.33
N ALA A 177 7.79 -1.02 -2.98
CA ALA A 177 9.14 -1.00 -2.44
C ALA A 177 9.18 -1.61 -1.04
N VAL A 178 10.34 -2.14 -0.67
CA VAL A 178 10.56 -2.64 0.69
C VAL A 178 11.82 -2.03 1.28
N LEU A 179 11.85 -1.95 2.60
CA LEU A 179 12.95 -1.32 3.30
C LEU A 179 13.96 -2.36 3.79
N GLU A 180 15.21 -2.25 3.31
CA GLU A 180 16.32 -3.07 3.80
C GLU A 180 17.47 -2.18 4.24
N SER A 181 17.64 -2.07 5.56
CA SER A 181 18.67 -1.24 6.15
C SER A 181 18.61 0.18 5.58
N ASP A 182 17.55 0.91 5.89
CA ASP A 182 17.40 2.34 5.59
C ASP A 182 17.25 2.71 4.12
N LEU A 183 17.37 1.74 3.21
CA LEU A 183 17.20 2.02 1.78
C LEU A 183 16.07 1.19 1.18
N TYR A 184 15.50 1.68 0.08
CA TYR A 184 14.39 1.02 -0.60
C TYR A 184 14.86 0.12 -1.74
N THR A 185 14.09 -0.94 -2.00
CA THR A 185 14.35 -1.85 -3.12
C THR A 185 13.03 -2.34 -3.71
N LEU A 186 12.99 -2.46 -5.04
CA LEU A 186 11.88 -3.09 -5.72
C LEU A 186 12.34 -3.73 -7.02
N SER A 187 11.44 -4.51 -7.63
CA SER A 187 11.69 -5.08 -8.95
C SER A 187 10.47 -4.86 -9.84
N SER A 188 10.72 -4.89 -11.15
CA SER A 188 9.65 -4.76 -12.14
C SER A 188 9.82 -5.86 -13.17
N SER A 189 8.71 -6.49 -13.54
CA SER A 189 8.72 -7.53 -14.55
C SER A 189 8.01 -7.04 -15.79
N VAL A 190 8.32 -7.66 -16.92
CA VAL A 190 7.59 -7.39 -18.15
C VAL A 190 7.51 -8.68 -18.97
N THR A 191 6.31 -8.99 -19.43
CA THR A 191 6.12 -10.15 -20.31
C THR A 191 5.84 -9.67 -21.72
N VAL A 192 6.65 -10.17 -22.64
CA VAL A 192 6.46 -9.96 -24.08
C VAL A 192 6.41 -11.33 -24.73
N PRO A 193 5.94 -11.40 -25.98
CA PRO A 193 6.04 -12.72 -26.62
C PRO A 193 7.49 -13.15 -26.73
N SER A 194 7.74 -14.40 -27.10
CA SER A 194 9.11 -14.87 -27.32
C SER A 194 9.59 -14.43 -28.70
N SER A 195 8.70 -13.77 -29.42
CA SER A 195 8.98 -13.30 -30.76
C SER A 195 9.88 -12.08 -30.74
N PRO A 196 9.50 -11.05 -29.97
CA PRO A 196 10.19 -9.79 -30.11
C PRO A 196 11.35 -9.55 -29.14
N ARG A 197 11.83 -10.52 -28.36
CA ARG A 197 13.09 -10.24 -27.67
C ARG A 197 13.99 -11.39 -27.24
N PRO A 198 14.68 -11.98 -28.22
CA PRO A 198 16.08 -11.57 -28.12
C PRO A 198 16.31 -10.59 -29.29
N SER A 199 15.37 -10.60 -30.24
CA SER A 199 15.50 -9.91 -31.53
C SER A 199 15.29 -8.40 -31.50
N GLU A 200 14.32 -7.92 -30.72
CA GLU A 200 14.09 -6.48 -30.59
C GLU A 200 14.47 -6.02 -29.18
N THR A 201 14.87 -4.76 -29.07
CA THR A 201 15.37 -4.24 -27.80
C THR A 201 14.24 -4.04 -26.79
N VAL A 202 14.47 -4.56 -25.58
CA VAL A 202 13.63 -4.27 -24.42
C VAL A 202 14.46 -3.52 -23.38
N THR A 203 13.93 -2.40 -22.90
CA THR A 203 14.66 -1.52 -22.00
C THR A 203 13.76 -1.00 -20.88
N CYS A 204 14.19 -1.19 -19.64
CA CYS A 204 13.50 -0.61 -18.50
C CYS A 204 14.09 0.77 -18.20
N ASN A 205 13.22 1.73 -17.90
CA ASN A 205 13.64 3.08 -17.60
C ASN A 205 13.26 3.45 -16.17
N VAL A 206 14.27 3.52 -15.30
CA VAL A 206 14.08 3.85 -13.90
C VAL A 206 14.35 5.33 -13.67
N ALA A 207 13.38 6.00 -13.04
CA ALA A 207 13.52 7.41 -12.69
C ALA A 207 13.39 7.59 -11.19
N HIS A 208 14.29 8.39 -10.62
CA HIS A 208 14.26 8.73 -9.20
C HIS A 208 14.30 10.25 -9.06
N PRO A 209 13.10 10.88 -8.98
CA PRO A 209 12.98 12.34 -8.97
C PRO A 209 13.86 13.04 -7.93
N ALA A 210 13.85 12.54 -6.70
CA ALA A 210 14.56 13.19 -5.60
C ALA A 210 16.04 13.42 -5.91
N SER A 211 16.66 12.46 -6.60
CA SER A 211 18.08 12.52 -6.91
C SER A 211 18.34 13.01 -8.34
N SER A 212 17.26 13.25 -9.07
CA SER A 212 17.34 13.61 -10.50
C SER A 212 18.08 12.52 -11.28
N THR A 213 17.63 11.27 -11.11
CA THR A 213 18.26 10.14 -11.75
C THR A 213 17.37 9.56 -12.84
N LYS A 214 17.99 9.31 -14.00
CA LYS A 214 17.35 8.59 -15.09
C LYS A 214 18.35 7.59 -15.67
N VAL A 215 18.03 6.31 -15.56
CA VAL A 215 18.88 5.26 -16.12
C VAL A 215 18.07 4.32 -17.00
N ASP A 216 18.68 3.87 -18.09
CA ASP A 216 18.05 2.96 -19.03
C ASP A 216 18.88 1.68 -19.14
N LYS A 217 18.37 0.60 -18.57
CA LYS A 217 19.05 -0.68 -18.60
C LYS A 217 18.43 -1.59 -19.64
N LYS A 218 19.15 -1.73 -20.76
CA LYS A 218 18.73 -2.58 -21.86
C LYS A 218 18.88 -4.04 -21.45
N ILE A 219 17.84 -4.83 -21.71
CA ILE A 219 17.84 -6.25 -21.35
C ILE A 219 18.46 -7.07 -22.48
N VAL A 220 19.55 -7.76 -22.17
CA VAL A 220 20.36 -8.49 -23.14
C VAL A 220 20.66 -9.87 -22.56
N PRO A 221 20.65 -10.92 -23.41
CA PRO A 221 20.67 -12.25 -22.79
C PRO A 221 22.05 -12.60 -22.20
N ARG A 222 22.05 -13.54 -21.27
CA ARG A 222 23.20 -13.79 -20.42
C ARG A 222 24.42 -14.29 -21.19
N ASP A 223 25.60 -13.90 -20.72
CA ASP A 223 26.86 -14.26 -21.37
C ASP A 223 27.46 -15.49 -20.70
N CYS A 224 27.38 -16.63 -21.38
CA CYS A 224 27.89 -17.90 -20.86
C CYS A 224 28.67 -18.63 -21.93
N GLY A 225 29.16 -19.82 -21.58
CA GLY A 225 29.93 -20.64 -22.50
C GLY A 225 31.35 -20.86 -21.99
N ASP B 1 -9.98 3.41 25.43
CA ASP B 1 -10.71 3.50 24.13
C ASP B 1 -11.53 2.24 23.88
N ILE B 2 -12.64 2.39 23.17
CA ILE B 2 -13.37 1.24 22.67
C ILE B 2 -12.66 0.71 21.43
N GLN B 3 -12.46 -0.59 21.38
CA GLN B 3 -11.74 -1.20 20.25
C GLN B 3 -12.70 -1.73 19.20
N MET B 4 -12.36 -1.48 17.94
CA MET B 4 -13.17 -1.91 16.80
C MET B 4 -12.43 -2.95 15.98
N THR B 5 -13.09 -4.09 15.74
CA THR B 5 -12.49 -5.18 14.99
C THR B 5 -13.26 -5.48 13.71
N GLN B 6 -12.52 -5.87 12.68
CA GLN B 6 -13.10 -6.35 11.43
C GLN B 6 -12.37 -7.63 11.05
N THR B 7 -12.90 -8.77 11.52
CA THR B 7 -12.24 -10.06 11.41
C THR B 7 -11.88 -10.43 9.97
N THR B 8 -12.73 -10.03 9.02
CA THR B 8 -12.48 -10.29 7.61
C THR B 8 -11.75 -9.11 6.99
N SER B 9 -10.46 -9.29 6.74
CA SER B 9 -9.63 -8.23 6.16
C SER B 9 -9.84 -8.13 4.65
N SER B 10 -10.21 -9.25 4.04
CA SER B 10 -10.49 -9.29 2.60
C SER B 10 -11.69 -10.19 2.31
N LEU B 11 -12.54 -9.75 1.38
CA LEU B 11 -13.78 -10.44 1.07
C LEU B 11 -13.95 -10.60 -0.45
N SER B 12 -14.28 -11.81 -0.87
CA SER B 12 -14.45 -12.14 -2.28
C SER B 12 -15.90 -12.07 -2.74
N ALA B 13 -16.11 -11.45 -3.90
CA ALA B 13 -17.45 -11.29 -4.44
C ALA B 13 -17.41 -11.16 -5.97
N SER B 14 -18.59 -11.02 -6.57
CA SER B 14 -18.72 -10.78 -7.99
C SER B 14 -19.57 -9.55 -8.23
N LEU B 15 -19.45 -8.96 -9.42
CA LEU B 15 -20.28 -7.82 -9.78
C LEU B 15 -21.73 -8.28 -9.84
N GLY B 16 -22.61 -7.52 -9.21
CA GLY B 16 -24.03 -7.85 -9.16
C GLY B 16 -24.43 -8.62 -7.91
N ASP B 17 -23.45 -9.02 -7.11
CA ASP B 17 -23.74 -9.81 -5.91
C ASP B 17 -24.15 -8.94 -4.73
N ARG B 18 -24.75 -9.58 -3.74
CA ARG B 18 -25.03 -8.94 -2.46
C ARG B 18 -23.84 -9.14 -1.53
N VAL B 19 -23.28 -8.03 -1.06
CA VAL B 19 -22.08 -8.06 -0.23
C VAL B 19 -22.38 -7.53 1.17
N THR B 20 -21.78 -8.18 2.17
CA THR B 20 -21.97 -7.78 3.57
C THR B 20 -20.63 -7.65 4.28
N ILE B 21 -20.34 -6.45 4.76
CA ILE B 21 -19.13 -6.18 5.54
C ILE B 21 -19.49 -6.16 7.02
N SER B 22 -18.64 -6.78 7.84
CA SER B 22 -18.91 -6.93 9.27
C SER B 22 -18.03 -6.01 10.12
N CYS B 23 -18.59 -5.59 11.25
CA CYS B 23 -17.87 -4.75 12.21
C CYS B 23 -18.26 -5.14 13.63
N ARG B 24 -17.28 -5.14 14.52
CA ARG B 24 -17.52 -5.46 15.93
C ARG B 24 -16.84 -4.45 16.85
N ALA B 25 -17.52 -4.12 17.95
CA ALA B 25 -16.98 -3.26 18.98
C ALA B 25 -16.79 -4.07 20.26
N SER B 26 -15.81 -3.67 21.07
CA SER B 26 -15.48 -4.41 22.29
C SER B 26 -16.54 -4.20 23.38
N GLN B 27 -17.45 -3.26 23.16
CA GLN B 27 -18.62 -3.14 24.02
C GLN B 27 -19.74 -2.37 23.31
N ASP B 28 -20.89 -2.29 23.97
CA ASP B 28 -22.09 -1.68 23.39
C ASP B 28 -21.83 -0.21 23.02
N ILE B 29 -22.01 0.11 21.74
CA ILE B 29 -21.80 1.49 21.26
C ILE B 29 -23.12 2.16 20.88
N SER B 30 -24.24 1.52 21.21
CA SER B 30 -25.55 2.17 21.14
C SER B 30 -25.86 2.76 19.77
N ASN B 31 -25.57 2.00 18.72
CA ASN B 31 -25.87 2.37 17.33
C ASN B 31 -25.09 3.58 16.83
N TYR B 32 -24.09 4.02 17.60
CA TYR B 32 -23.21 5.10 17.15
C TYR B 32 -22.09 4.53 16.29
N LEU B 33 -22.45 3.96 15.15
CA LEU B 33 -21.49 3.37 14.23
C LEU B 33 -21.57 4.00 12.85
N THR B 34 -20.40 4.24 12.25
CA THR B 34 -20.30 4.96 10.99
C THR B 34 -19.39 4.21 10.02
N TRP B 35 -19.77 4.20 8.74
CA TRP B 35 -19.04 3.46 7.71
C TRP B 35 -18.37 4.38 6.71
N TYR B 36 -17.16 3.99 6.27
CA TYR B 36 -16.40 4.75 5.28
C TYR B 36 -15.94 3.88 4.10
N GLN B 37 -15.65 4.56 2.99
CA GLN B 37 -15.16 3.92 1.77
C GLN B 37 -13.81 4.51 1.39
N GLN B 38 -12.78 3.68 1.35
CA GLN B 38 -11.46 4.12 0.92
C GLN B 38 -11.09 3.46 -0.41
N LYS B 39 -11.17 4.24 -1.48
CA LYS B 39 -10.84 3.76 -2.82
C LYS B 39 -9.33 3.62 -3.00
N PRO B 40 -8.90 2.86 -4.02
CA PRO B 40 -7.46 2.75 -4.35
C PRO B 40 -6.78 4.11 -4.44
N ASP B 41 -7.51 5.06 -5.02
CA ASP B 41 -7.18 6.48 -4.98
C ASP B 41 -6.47 6.92 -3.70
N GLY B 42 -6.90 6.33 -2.58
CA GLY B 42 -6.44 6.73 -1.26
C GLY B 42 -7.42 7.72 -0.66
N THR B 43 -8.49 8.01 -1.39
CA THR B 43 -9.52 8.94 -0.97
C THR B 43 -10.52 8.26 -0.04
N VAL B 44 -11.05 9.00 0.92
CA VAL B 44 -12.03 8.48 1.86
C VAL B 44 -13.36 9.22 1.70
N LYS B 45 -14.46 8.47 1.84
CA LYS B 45 -15.80 9.04 1.79
C LYS B 45 -16.69 8.43 2.86
N LEU B 46 -17.51 9.28 3.47
CA LEU B 46 -18.53 8.81 4.41
C LEU B 46 -19.72 8.22 3.65
N LEU B 47 -20.21 7.08 4.13
CA LEU B 47 -21.35 6.41 3.53
C LEU B 47 -22.57 6.43 4.45
N ILE B 48 -22.39 5.89 5.64
CA ILE B 48 -23.48 5.70 6.59
C ILE B 48 -23.06 6.09 7.99
N TYR B 49 -23.92 6.82 8.68
CA TYR B 49 -23.70 7.19 10.08
C TYR B 49 -24.87 6.74 10.94
N TYR B 50 -24.60 6.58 12.23
CA TYR B 50 -25.60 6.14 13.20
C TYR B 50 -26.27 4.84 12.74
N THR B 51 -25.42 3.86 12.42
CA THR B 51 -25.80 2.49 12.06
C THR B 51 -26.39 2.34 10.65
N SER B 52 -27.30 3.22 10.24
CA SER B 52 -28.07 2.98 9.03
C SER B 52 -28.50 4.23 8.25
N LYS B 53 -28.06 5.41 8.67
CA LYS B 53 -28.48 6.64 8.00
C LYS B 53 -27.53 7.00 6.86
N LEU B 54 -28.09 7.05 5.65
CA LEU B 54 -27.32 7.38 4.46
C LEU B 54 -26.89 8.84 4.44
N HIS B 55 -25.62 9.06 4.13
CA HIS B 55 -25.08 10.39 3.91
C HIS B 55 -25.51 10.87 2.53
N SER B 56 -25.75 12.18 2.40
CA SER B 56 -26.15 12.76 1.13
C SER B 56 -25.13 12.41 0.04
N GLY B 57 -25.63 12.08 -1.15
CA GLY B 57 -24.77 11.75 -2.27
C GLY B 57 -24.43 10.28 -2.38
N VAL B 58 -24.81 9.51 -1.36
CA VAL B 58 -24.52 8.07 -1.34
C VAL B 58 -25.63 7.30 -2.08
N PRO B 59 -25.24 6.38 -2.97
CA PRO B 59 -26.24 5.56 -3.68
C PRO B 59 -27.07 4.68 -2.73
N SER B 60 -28.30 4.38 -3.13
CA SER B 60 -29.23 3.65 -2.26
C SER B 60 -28.89 2.17 -2.10
N ARG B 61 -28.03 1.63 -2.97
CA ARG B 61 -27.64 0.23 -2.87
C ARG B 61 -26.80 0.00 -1.61
N PHE B 62 -26.37 1.10 -0.99
CA PHE B 62 -25.72 1.02 0.31
C PHE B 62 -26.73 1.12 1.44
N SER B 63 -26.57 0.26 2.44
CA SER B 63 -27.41 0.28 3.63
C SER B 63 -26.63 -0.27 4.82
N GLY B 64 -27.11 0.03 6.02
CA GLY B 64 -26.46 -0.40 7.24
C GLY B 64 -27.46 -0.86 8.29
N SER B 65 -27.00 -1.74 9.17
CA SER B 65 -27.82 -2.25 10.26
C SER B 65 -26.93 -2.71 11.41
N GLY B 66 -27.54 -3.07 12.53
CA GLY B 66 -26.83 -3.58 13.68
C GLY B 66 -27.28 -2.96 14.99
N SER B 67 -26.80 -3.52 16.09
CA SER B 67 -27.09 -3.02 17.42
C SER B 67 -26.09 -3.63 18.40
N GLY B 68 -26.04 -3.09 19.61
CA GLY B 68 -25.10 -3.57 20.62
C GLY B 68 -23.67 -3.49 20.12
N THR B 69 -23.04 -4.65 19.92
CA THR B 69 -21.64 -4.71 19.51
C THR B 69 -21.44 -5.06 18.03
N ASP B 70 -22.41 -5.76 17.44
CA ASP B 70 -22.30 -6.24 16.07
C ASP B 70 -23.01 -5.32 15.08
N TYR B 71 -22.33 -5.00 13.98
CA TYR B 71 -22.90 -4.13 12.96
C TYR B 71 -22.46 -4.60 11.58
N SER B 72 -23.14 -4.10 10.55
CA SER B 72 -22.82 -4.52 9.18
C SER B 72 -23.23 -3.49 8.13
N LEU B 73 -22.43 -3.46 7.06
CA LEU B 73 -22.70 -2.65 5.88
C LEU B 73 -23.08 -3.59 4.74
N THR B 74 -24.08 -3.20 3.95
CA THR B 74 -24.57 -4.04 2.87
C THR B 74 -24.56 -3.28 1.53
N ILE B 75 -24.25 -4.01 0.47
CA ILE B 75 -24.33 -3.49 -0.88
C ILE B 75 -25.16 -4.46 -1.73
N SER B 76 -26.34 -4.01 -2.15
CA SER B 76 -27.32 -4.88 -2.80
C SER B 76 -26.89 -5.36 -4.19
N ASN B 77 -26.29 -4.46 -4.96
CA ASN B 77 -25.86 -4.76 -6.32
C ASN B 77 -24.46 -4.23 -6.53
N LEU B 78 -23.46 -5.08 -6.29
CA LEU B 78 -22.07 -4.64 -6.34
C LEU B 78 -21.65 -4.22 -7.74
N GLU B 79 -21.09 -3.02 -7.82
CA GLU B 79 -20.54 -2.48 -9.06
C GLU B 79 -19.02 -2.36 -8.94
N GLN B 80 -18.33 -2.23 -10.07
CA GLN B 80 -16.88 -2.17 -10.08
C GLN B 80 -16.36 -0.96 -9.31
N GLU B 81 -17.17 0.10 -9.25
CA GLU B 81 -16.78 1.32 -8.57
C GLU B 81 -16.90 1.17 -7.05
N ASP B 82 -17.54 0.09 -6.61
CA ASP B 82 -17.70 -0.18 -5.19
C ASP B 82 -16.55 -1.04 -4.66
N VAL B 83 -15.65 -1.44 -5.54
CA VAL B 83 -14.46 -2.19 -5.14
C VAL B 83 -13.51 -1.26 -4.41
N ALA B 84 -13.49 -1.39 -3.08
CA ALA B 84 -12.68 -0.51 -2.24
C ALA B 84 -12.51 -1.12 -0.86
N ASN B 85 -11.88 -0.36 0.04
CA ASN B 85 -11.70 -0.77 1.43
C ASN B 85 -12.74 -0.09 2.32
N TYR B 86 -13.51 -0.90 3.05
CA TYR B 86 -14.58 -0.40 3.91
C TYR B 86 -14.25 -0.60 5.37
N PHE B 87 -14.30 0.48 6.15
CA PHE B 87 -14.01 0.42 7.57
C PHE B 87 -15.03 1.19 8.39
N CYS B 88 -15.17 0.79 9.64
CA CYS B 88 -16.14 1.36 10.55
C CYS B 88 -15.48 2.23 11.61
N GLN B 89 -16.30 3.05 12.28
CA GLN B 89 -15.87 3.74 13.49
C GLN B 89 -17.01 3.77 14.49
N GLN B 90 -16.67 3.69 15.77
CA GLN B 90 -17.64 3.93 16.84
C GLN B 90 -17.61 5.41 17.19
N GLY B 91 -18.78 5.99 17.44
CA GLY B 91 -18.91 7.38 17.82
C GLY B 91 -19.61 7.52 19.15
N ASN B 92 -19.56 6.47 19.95
CA ASN B 92 -20.22 6.46 21.25
C ASN B 92 -19.37 7.12 22.32
N SER B 93 -18.06 6.87 22.24
CA SER B 93 -17.14 7.34 23.27
C SER B 93 -15.86 7.90 22.65
N LEU B 94 -15.36 8.98 23.24
CA LEU B 94 -14.12 9.60 22.79
C LEU B 94 -12.94 8.91 23.47
N PRO B 95 -11.84 8.68 22.75
CA PRO B 95 -11.60 9.07 21.34
C PRO B 95 -12.33 8.18 20.35
N PRO B 96 -12.59 8.69 19.12
CA PRO B 96 -13.15 7.83 18.08
C PRO B 96 -12.16 6.74 17.70
N THR B 97 -12.67 5.54 17.40
CA THR B 97 -11.82 4.41 17.06
C THR B 97 -12.38 3.66 15.85
N PHE B 98 -11.48 3.06 15.06
CA PHE B 98 -11.82 2.48 13.77
C PHE B 98 -11.41 1.01 13.66
N GLY B 99 -12.03 0.30 12.73
CA GLY B 99 -11.66 -1.08 12.43
C GLY B 99 -10.55 -1.14 11.40
N GLY B 100 -9.93 -2.30 11.26
CA GLY B 100 -8.83 -2.49 10.34
C GLY B 100 -9.26 -2.38 8.88
N GLY B 101 -10.56 -2.53 8.64
CA GLY B 101 -11.13 -2.41 7.31
C GLY B 101 -11.30 -3.74 6.60
N THR B 102 -12.21 -3.77 5.63
CA THR B 102 -12.43 -4.95 4.79
C THR B 102 -12.27 -4.55 3.32
N LYS B 103 -11.27 -5.12 2.67
CA LYS B 103 -11.00 -4.83 1.26
C LYS B 103 -11.76 -5.79 0.36
N LEU B 104 -12.47 -5.24 -0.62
CA LEU B 104 -13.25 -6.05 -1.56
C LEU B 104 -12.40 -6.49 -2.74
N GLU B 105 -12.45 -7.78 -3.05
CA GLU B 105 -11.79 -8.32 -4.24
C GLU B 105 -12.85 -8.99 -5.11
N ILE B 106 -12.59 -9.03 -6.42
CA ILE B 106 -13.53 -9.61 -7.36
C ILE B 106 -13.15 -11.06 -7.69
N LYS B 107 -14.16 -11.91 -7.74
CA LYS B 107 -13.99 -13.33 -7.99
C LYS B 107 -13.66 -13.60 -9.46
N ARG B 108 -12.83 -14.61 -9.69
CA ARG B 108 -12.52 -15.05 -11.04
C ARG B 108 -11.99 -16.50 -11.02
N ALA B 109 -11.86 -17.10 -12.20
CA ALA B 109 -11.47 -18.51 -12.30
C ALA B 109 -10.03 -18.72 -11.84
N ASP B 110 -9.80 -19.81 -11.11
CA ASP B 110 -8.46 -20.14 -10.64
C ASP B 110 -7.45 -20.06 -11.78
N ALA B 111 -6.39 -19.31 -11.55
CA ALA B 111 -5.33 -19.13 -12.54
C ALA B 111 -3.98 -19.43 -11.90
N ALA B 112 -3.19 -20.29 -12.55
CA ALA B 112 -1.92 -20.72 -12.00
C ALA B 112 -0.87 -19.61 -12.11
N PRO B 113 0.08 -19.56 -11.16
CA PRO B 113 1.12 -18.54 -11.23
C PRO B 113 2.15 -18.81 -12.34
N THR B 114 2.48 -17.78 -13.10
CA THR B 114 3.61 -17.85 -14.04
C THR B 114 4.89 -17.54 -13.28
N VAL B 115 5.67 -18.57 -12.99
CA VAL B 115 6.88 -18.43 -12.19
C VAL B 115 8.10 -18.23 -13.06
N SER B 116 8.92 -17.25 -12.69
CA SER B 116 10.15 -16.91 -13.40
C SER B 116 11.25 -16.60 -12.39
N ILE B 117 12.44 -17.16 -12.61
CA ILE B 117 13.58 -16.96 -11.71
C ILE B 117 14.74 -16.32 -12.46
N PHE B 118 15.52 -15.50 -11.75
CA PHE B 118 16.61 -14.74 -12.36
C PHE B 118 17.87 -14.77 -11.49
N PRO B 119 18.94 -15.41 -11.97
CA PRO B 119 20.23 -15.24 -11.30
C PRO B 119 20.63 -13.76 -11.18
N PRO B 120 21.40 -13.39 -10.14
CA PRO B 120 21.91 -12.02 -10.02
C PRO B 120 22.78 -11.63 -11.23
N SER B 121 22.75 -10.36 -11.59
CA SER B 121 23.58 -9.85 -12.68
C SER B 121 25.05 -9.81 -12.23
N SER B 122 25.97 -9.84 -13.20
CA SER B 122 27.39 -9.68 -12.90
C SER B 122 27.66 -8.28 -12.38
N GLU B 123 26.86 -7.32 -12.82
CA GLU B 123 26.97 -5.93 -12.38
C GLU B 123 26.67 -5.81 -10.89
N GLN B 124 25.73 -6.61 -10.41
CA GLN B 124 25.31 -6.55 -9.00
C GLN B 124 26.37 -7.11 -8.07
N LEU B 125 27.11 -8.10 -8.54
CA LEU B 125 28.12 -8.75 -7.70
C LEU B 125 29.28 -7.81 -7.40
N THR B 126 29.51 -6.84 -8.29
CA THR B 126 30.57 -5.86 -8.07
C THR B 126 30.24 -4.94 -6.90
N SER B 127 29.00 -5.00 -6.44
CA SER B 127 28.53 -4.20 -5.31
C SER B 127 28.81 -4.90 -3.98
N GLY B 128 28.87 -6.23 -4.03
CA GLY B 128 29.09 -7.05 -2.84
C GLY B 128 27.88 -7.89 -2.48
N GLY B 129 26.73 -7.54 -3.04
CA GLY B 129 25.48 -8.25 -2.78
C GLY B 129 25.09 -9.16 -3.93
N ALA B 130 24.09 -10.00 -3.69
CA ALA B 130 23.59 -10.92 -4.71
C ALA B 130 22.10 -11.17 -4.50
N SER B 131 21.29 -10.58 -5.37
CA SER B 131 19.84 -10.71 -5.31
C SER B 131 19.34 -11.75 -6.32
N VAL B 132 18.76 -12.83 -5.82
CA VAL B 132 18.07 -13.80 -6.67
C VAL B 132 16.57 -13.50 -6.65
N VAL B 133 16.07 -12.99 -7.77
CA VAL B 133 14.70 -12.52 -7.85
C VAL B 133 13.79 -13.56 -8.49
N CYS B 134 12.60 -13.74 -7.91
CA CYS B 134 11.61 -14.68 -8.41
C CYS B 134 10.25 -14.02 -8.54
N PHE B 135 9.73 -13.98 -9.77
CA PHE B 135 8.40 -13.42 -10.05
C PHE B 135 7.34 -14.51 -10.06
N LEU B 136 6.20 -14.21 -9.46
CA LEU B 136 5.02 -15.07 -9.54
C LEU B 136 3.82 -14.22 -9.95
N ASN B 137 3.50 -14.25 -11.25
CA ASN B 137 2.58 -13.28 -11.83
C ASN B 137 1.23 -13.85 -12.25
N ASN B 138 0.18 -13.07 -12.04
CA ASN B 138 -1.14 -13.33 -12.59
C ASN B 138 -1.74 -14.65 -12.11
N PHE B 139 -1.94 -14.77 -10.80
CA PHE B 139 -2.57 -15.95 -10.24
C PHE B 139 -3.80 -15.58 -9.42
N TYR B 140 -4.69 -16.55 -9.24
CA TYR B 140 -5.87 -16.40 -8.40
C TYR B 140 -6.23 -17.78 -7.85
N PRO B 141 -6.63 -17.88 -6.57
CA PRO B 141 -6.83 -16.81 -5.58
C PRO B 141 -5.53 -16.23 -5.06
N LYS B 142 -5.65 -15.31 -4.09
CA LYS B 142 -4.51 -14.61 -3.54
C LYS B 142 -3.68 -15.54 -2.65
N ASP B 143 -4.31 -16.59 -2.13
CA ASP B 143 -3.64 -17.52 -1.23
C ASP B 143 -2.47 -18.22 -1.94
N ILE B 144 -1.28 -18.04 -1.40
CA ILE B 144 -0.07 -18.60 -1.99
C ILE B 144 1.06 -18.67 -0.96
N ASN B 145 1.91 -19.68 -1.10
CA ASN B 145 3.10 -19.81 -0.26
C ASN B 145 4.35 -20.01 -1.12
N VAL B 146 5.42 -19.32 -0.76
CA VAL B 146 6.66 -19.33 -1.53
C VAL B 146 7.81 -19.88 -0.68
N LYS B 147 8.56 -20.82 -1.25
CA LYS B 147 9.70 -21.41 -0.55
C LYS B 147 10.96 -21.35 -1.41
N TRP B 148 12.06 -20.91 -0.78
CA TRP B 148 13.37 -20.90 -1.43
C TRP B 148 14.19 -22.10 -1.00
N LYS B 149 14.71 -22.83 -1.99
CA LYS B 149 15.60 -23.96 -1.74
C LYS B 149 16.99 -23.67 -2.29
N ILE B 150 18.00 -24.01 -1.50
CA ILE B 150 19.41 -23.86 -1.90
C ILE B 150 20.12 -25.20 -1.76
N ASP B 151 20.65 -25.68 -2.89
CA ASP B 151 21.35 -26.96 -2.95
C ASP B 151 20.57 -28.08 -2.26
N GLY B 152 19.25 -27.95 -2.26
CA GLY B 152 18.38 -28.97 -1.70
C GLY B 152 17.71 -28.57 -0.39
N SER B 153 18.33 -27.65 0.34
CA SER B 153 17.85 -27.29 1.68
C SER B 153 17.03 -26.00 1.68
N GLU B 154 16.01 -25.96 2.53
CA GLU B 154 15.16 -24.78 2.67
C GLU B 154 15.92 -23.61 3.27
N ARG B 155 15.49 -22.40 2.94
CA ARG B 155 16.17 -21.17 3.34
C ARG B 155 15.15 -20.07 3.60
N GLN B 156 15.35 -19.31 4.68
CA GLN B 156 14.42 -18.26 5.07
C GLN B 156 15.12 -16.91 5.24
N ASN B 157 16.35 -16.93 5.76
CA ASN B 157 17.14 -15.71 5.93
C ASN B 157 17.35 -14.95 4.62
N GLY B 158 17.07 -13.65 4.64
CA GLY B 158 17.34 -12.79 3.51
C GLY B 158 16.27 -12.77 2.44
N VAL B 159 15.08 -13.30 2.78
CA VAL B 159 13.97 -13.35 1.83
C VAL B 159 12.93 -12.27 2.14
N LEU B 160 12.74 -11.36 1.19
CA LEU B 160 11.71 -10.34 1.28
C LEU B 160 10.72 -10.48 0.13
N ASN B 161 9.44 -10.61 0.49
CA ASN B 161 8.38 -10.73 -0.50
C ASN B 161 7.66 -9.41 -0.69
N SER B 162 6.93 -9.29 -1.79
CA SER B 162 6.18 -8.08 -2.09
C SER B 162 4.99 -8.42 -2.98
N TRP B 163 3.80 -8.02 -2.55
CA TRP B 163 2.56 -8.32 -3.27
C TRP B 163 1.97 -7.09 -3.93
N THR B 164 1.36 -7.29 -5.09
CA THR B 164 0.54 -6.25 -5.72
C THR B 164 -0.89 -6.37 -5.20
N ASP B 165 -1.65 -5.29 -5.29
CA ASP B 165 -3.07 -5.35 -5.02
C ASP B 165 -3.72 -6.07 -6.19
N GLN B 166 -4.98 -6.46 -6.04
CA GLN B 166 -5.68 -7.14 -7.13
C GLN B 166 -5.74 -6.24 -8.35
N ASP B 167 -5.27 -6.76 -9.48
CA ASP B 167 -5.33 -6.03 -10.75
C ASP B 167 -6.77 -6.03 -11.26
N SER B 168 -7.29 -4.84 -11.55
CA SER B 168 -8.68 -4.72 -11.99
C SER B 168 -8.87 -5.27 -13.40
N LYS B 169 -7.84 -5.14 -14.23
CA LYS B 169 -7.92 -5.54 -15.63
C LYS B 169 -8.22 -7.04 -15.81
N ASP B 170 -7.62 -7.88 -14.97
CA ASP B 170 -7.82 -9.34 -15.08
C ASP B 170 -8.11 -10.02 -13.74
N SER B 171 -8.24 -9.24 -12.68
CA SER B 171 -8.63 -9.76 -11.36
C SER B 171 -7.65 -10.80 -10.82
N THR B 172 -6.37 -10.64 -11.16
CA THR B 172 -5.33 -11.54 -10.70
C THR B 172 -4.41 -10.85 -9.69
N TYR B 173 -3.56 -11.65 -9.05
CA TYR B 173 -2.53 -11.14 -8.16
C TYR B 173 -1.17 -11.49 -8.71
N SER B 174 -0.16 -10.74 -8.26
CA SER B 174 1.22 -11.01 -8.61
C SER B 174 2.08 -10.75 -7.37
N MET B 175 3.21 -11.43 -7.27
CA MET B 175 4.14 -11.22 -6.17
C MET B 175 5.58 -11.48 -6.59
N SER B 176 6.49 -10.72 -5.97
CA SER B 176 7.91 -10.92 -6.16
C SER B 176 8.51 -11.47 -4.87
N SER B 177 9.37 -12.46 -5.02
CA SER B 177 10.12 -13.01 -3.89
C SER B 177 11.61 -12.85 -4.19
N THR B 178 12.29 -12.07 -3.35
CA THR B 178 13.69 -11.76 -3.56
C THR B 178 14.55 -12.29 -2.43
N LEU B 179 15.54 -13.11 -2.80
CA LEU B 179 16.52 -13.63 -1.86
C LEU B 179 17.82 -12.87 -2.04
N THR B 180 18.30 -12.26 -0.96
CA THR B 180 19.50 -11.44 -1.01
C THR B 180 20.55 -11.95 -0.04
N LEU B 181 21.78 -12.08 -0.55
CA LEU B 181 22.90 -12.53 0.26
C LEU B 181 24.17 -11.85 -0.23
N THR B 182 25.30 -12.17 0.40
CA THR B 182 26.59 -11.64 -0.03
C THR B 182 27.03 -12.33 -1.32
N LYS B 183 27.92 -11.68 -2.07
CA LYS B 183 28.52 -12.30 -3.24
C LYS B 183 29.30 -13.55 -2.84
N ASP B 184 30.03 -13.44 -1.72
CA ASP B 184 30.82 -14.55 -1.21
C ASP B 184 29.96 -15.79 -0.95
N GLU B 185 28.81 -15.59 -0.34
CA GLU B 185 27.91 -16.70 -0.06
C GLU B 185 27.27 -17.22 -1.34
N TYR B 186 26.89 -16.30 -2.24
CA TYR B 186 26.24 -16.69 -3.48
C TYR B 186 27.15 -17.58 -4.32
N GLU B 187 28.44 -17.26 -4.31
CA GLU B 187 29.42 -17.97 -5.11
C GLU B 187 29.78 -19.34 -4.53
N ARG B 188 29.25 -19.62 -3.34
CA ARG B 188 29.58 -20.85 -2.61
C ARG B 188 28.43 -21.86 -2.59
N HIS B 189 27.43 -21.63 -3.44
CA HIS B 189 26.33 -22.57 -3.64
C HIS B 189 26.04 -22.69 -5.13
N ASN B 190 25.35 -23.78 -5.51
CA ASN B 190 25.10 -24.09 -6.92
C ASN B 190 23.62 -23.96 -7.30
N SER B 191 22.79 -24.84 -6.74
CA SER B 191 21.39 -24.89 -7.10
C SER B 191 20.55 -23.91 -6.28
N TYR B 192 19.91 -22.97 -6.97
CA TYR B 192 18.98 -22.03 -6.37
C TYR B 192 17.59 -22.27 -6.91
N THR B 193 16.65 -22.55 -6.01
CA THR B 193 15.29 -22.93 -6.38
C THR B 193 14.26 -22.00 -5.76
N CYS B 194 13.22 -21.73 -6.53
CA CYS B 194 12.06 -20.95 -6.09
C CYS B 194 10.79 -21.72 -6.42
N GLU B 195 10.23 -22.40 -5.42
CA GLU B 195 9.04 -23.23 -5.64
C GLU B 195 7.82 -22.65 -4.95
N ALA B 196 6.68 -22.71 -5.65
CA ALA B 196 5.44 -22.10 -5.18
C ALA B 196 4.34 -23.15 -4.99
N THR B 197 3.57 -22.97 -3.93
CA THR B 197 2.42 -23.82 -3.63
C THR B 197 1.15 -23.03 -3.94
N HIS B 198 0.22 -23.67 -4.66
CA HIS B 198 -1.01 -23.00 -5.05
C HIS B 198 -2.11 -23.98 -5.42
N LYS B 199 -3.35 -23.53 -5.26
CA LYS B 199 -4.56 -24.32 -5.51
C LYS B 199 -4.58 -24.98 -6.89
N THR B 200 -4.05 -24.29 -7.89
CA THR B 200 -4.12 -24.76 -9.27
C THR B 200 -3.21 -25.96 -9.57
N SER B 201 -2.36 -26.33 -8.61
CA SER B 201 -1.39 -27.40 -8.83
C SER B 201 -1.24 -28.28 -7.60
N THR B 202 -1.34 -29.58 -7.81
CA THR B 202 -1.12 -30.56 -6.75
C THR B 202 0.35 -30.48 -6.34
N SER B 203 1.24 -30.65 -7.31
CA SER B 203 2.67 -30.52 -7.08
C SER B 203 3.09 -29.05 -7.12
N PRO B 204 4.07 -28.68 -6.29
CA PRO B 204 4.56 -27.28 -6.33
C PRO B 204 5.18 -26.92 -7.68
N ILE B 205 4.97 -25.69 -8.12
CA ILE B 205 5.62 -25.20 -9.34
C ILE B 205 7.04 -24.79 -9.00
N VAL B 206 8.01 -25.53 -9.55
CA VAL B 206 9.42 -25.34 -9.22
C VAL B 206 10.17 -24.62 -10.34
N LYS B 207 10.85 -23.53 -9.97
CA LYS B 207 11.74 -22.81 -10.88
C LYS B 207 13.12 -22.72 -10.26
N SER B 208 14.12 -23.22 -10.98
CA SER B 208 15.47 -23.30 -10.44
C SER B 208 16.53 -23.02 -11.50
N PHE B 209 17.79 -22.96 -11.06
CA PHE B 209 18.93 -22.83 -11.96
C PHE B 209 20.20 -23.23 -11.21
N ASN B 210 21.22 -23.64 -11.96
CA ASN B 210 22.52 -23.95 -11.39
C ASN B 210 23.52 -22.85 -11.74
N ARG B 211 24.11 -22.27 -10.70
CA ARG B 211 25.05 -21.17 -10.85
C ARG B 211 26.21 -21.52 -11.77
N ASN B 212 26.51 -22.81 -11.84
CA ASN B 212 27.71 -23.28 -12.53
C ASN B 212 27.53 -23.34 -14.04
N GLU B 213 26.30 -23.19 -14.52
CA GLU B 213 26.09 -23.00 -15.95
C GLU B 213 26.61 -21.60 -16.28
N CYS B 214 25.71 -20.66 -16.54
CA CYS B 214 26.12 -19.29 -16.78
C CYS B 214 26.75 -18.72 -15.52
O1 QI9 C . -19.88 16.37 20.02
C10 QI9 C . -18.86 15.46 19.67
C11 QI9 C . -17.46 16.12 19.88
N1 QI9 C . -17.13 17.17 18.80
C15 QI9 C . -17.86 18.51 19.05
C14 QI9 C . -17.44 19.06 20.40
C16 QI9 C . -15.53 17.44 18.87
C17 QI9 C . -15.19 17.94 20.27
C18 QI9 C . -14.20 17.11 21.06
C19 QI9 C . -13.57 15.98 20.70
C13 QI9 C . -16.49 18.08 21.10
C12 QI9 C . -17.24 16.77 21.25
C4 QI9 C . -18.93 14.16 20.43
C5 QI9 C . -19.58 14.13 21.69
C6 QI9 C . -19.64 12.94 22.39
N QI9 C . -19.12 11.76 21.97
C7 QI9 C . -18.47 11.78 20.75
C3 QI9 C . -18.34 12.97 19.93
C2 QI9 C . -17.67 12.88 18.69
C8 QI9 C . -17.91 10.57 20.29
C9 QI9 C . -17.25 10.52 19.06
C1 QI9 C . -17.14 11.66 18.28
O QI9 C . -16.46 11.60 17.06
C QI9 C . -16.62 12.55 16.01
H1 QI9 C . -20.67 16.11 19.55
H2 QI9 C . -18.99 15.24 18.58
H3 QI9 C . -16.69 15.32 19.74
H5 QI9 C . -17.61 19.21 18.22
H6 QI9 C . -18.96 18.40 18.98
H7 QI9 C . -18.32 19.25 21.04
H8 QI9 C . -16.96 20.06 20.29
H9 QI9 C . -15.25 18.17 18.09
H10 QI9 C . -14.99 16.52 18.59
H11 QI9 C . -14.75 18.97 20.17
H12 QI9 C . -13.98 17.52 22.05
H13 QI9 C . -13.71 15.50 19.74
H14 QI9 C . -12.87 15.44 21.32
H15 QI9 C . -16.23 18.49 22.12
H16 QI9 C . -16.69 16.07 21.92
H17 QI9 C . -18.18 16.94 21.81
H18 QI9 C . -20.03 15.03 22.10
H19 QI9 C . -20.15 12.88 23.37
H20 QI9 C . -17.56 13.76 18.05
H21 QI9 C . -18.00 9.67 20.90
H22 QI9 C . -16.83 9.56 18.74
H23 QI9 C . -15.81 12.51 15.26
H24 QI9 C . -17.57 12.49 15.48
H25 QI9 C . -16.56 13.52 16.52
#